data_6IHT
#
_entry.id   6IHT
#
_cell.length_a   46.693
_cell.length_b   38.609
_cell.length_c   65.003
_cell.angle_alpha   90.00
_cell.angle_beta   101.89
_cell.angle_gamma   90.00
#
_symmetry.space_group_name_H-M   'P 1 21 1'
#
loop_
_entity.id
_entity.type
_entity.pdbx_description
1 polymer 'Phosphorylated protein phosphatase'
2 polymer His12
3 non-polymer 'MAGNESIUM ION'
4 non-polymer 'MANGANESE (II) ION'
5 water water
#
loop_
_entity_poly.entity_id
_entity_poly.type
_entity_poly.pdbx_seq_one_letter_code
_entity_poly.pdbx_strand_id
1 'polypeptide(L)'
;MGSSHHHHHHSSGLVPRGSHMEAQFFTDTGQHRDKNEDAGGIFYNQTNQQLLVLCDGMGGHKAGEVASKFVTDELKSRFE
AENLIEQHQAENWLRNNIKDINFQLYHYAQENAEYKGMGTTCVCALVFEKSVVIANVGDSRAYVINSRQIEQITSDHSFV
NHLVLTGQITPEEAFTHPQRNIITKVMGTDKRVSPDLFIKRLNFYDYLLLNSDGLTDYVKDNEIKRLLVKEGTIEDHGDQ
LMQLALDNHSKDNVTFILAAIEGDKV
;
A
2 'polypeptide(L)' GG(SEP) X
#
# COMPACT_ATOMS: atom_id res chain seq x y z
N HIS A 20 16.38 8.44 -6.43
CA HIS A 20 15.85 7.16 -5.97
C HIS A 20 16.41 6.74 -4.59
N MET A 21 15.67 5.94 -3.84
CA MET A 21 16.13 5.44 -2.56
C MET A 21 16.59 3.98 -2.65
N GLU A 22 17.49 3.59 -1.76
CA GLU A 22 17.68 2.16 -1.53
C GLU A 22 16.39 1.56 -1.00
N ALA A 23 15.79 0.65 -1.75
CA ALA A 23 14.47 0.16 -1.37
C ALA A 23 14.38 -1.31 -1.75
N GLN A 24 13.53 -2.05 -1.03
CA GLN A 24 13.37 -3.45 -1.36
C GLN A 24 11.94 -3.90 -1.08
N PHE A 25 11.44 -4.80 -1.92
CA PHE A 25 10.08 -5.35 -1.84
C PHE A 25 10.10 -6.72 -1.18
N PHE A 26 9.18 -6.93 -0.21
CA PHE A 26 9.11 -8.17 0.56
C PHE A 26 7.68 -8.68 0.54
N THR A 27 7.51 -9.97 0.33
CA THR A 27 6.14 -10.49 0.31
C THR A 27 6.12 -11.94 0.79
N ASP A 28 5.00 -12.32 1.41
CA ASP A 28 4.85 -13.70 1.87
C ASP A 28 3.38 -14.05 1.81
N THR A 29 3.07 -15.24 1.27
CA THR A 29 1.67 -15.65 1.20
C THR A 29 1.07 -15.76 2.60
N GLY A 30 1.89 -16.12 3.59
CA GLY A 30 1.40 -16.43 4.92
C GLY A 30 0.82 -17.83 5.00
N GLN A 31 0.29 -18.13 6.18
CA GLN A 31 -0.06 -19.51 6.49
C GLN A 31 -1.45 -19.90 5.99
N HIS A 32 -2.39 -18.96 5.93
CA HIS A 32 -3.81 -19.30 5.90
C HIS A 32 -4.52 -18.87 4.62
N ARG A 33 -3.77 -18.61 3.55
CA ARG A 33 -4.36 -18.05 2.34
C ARG A 33 -4.06 -18.98 1.17
N ASP A 34 -5.02 -19.11 0.26
CA ASP A 34 -4.84 -19.98 -0.89
C ASP A 34 -3.85 -19.36 -1.89
N LYS A 35 -3.90 -18.05 -2.05
CA LYS A 35 -3.05 -17.35 -3.00
C LYS A 35 -2.40 -16.17 -2.30
N ASN A 36 -1.28 -15.71 -2.87
CA ASN A 36 -0.79 -14.37 -2.55
C ASN A 36 -1.49 -13.36 -3.46
N GLU A 37 -2.46 -12.64 -2.89
CA GLU A 37 -3.20 -11.62 -3.65
C GLU A 37 -2.64 -10.21 -3.44
N ASP A 38 -1.54 -10.08 -2.69
CA ASP A 38 -0.80 -8.82 -2.66
C ASP A 38 0.06 -8.73 -3.90
N ALA A 39 0.39 -7.49 -4.30
CA ALA A 39 1.26 -7.27 -5.44
C ALA A 39 2.00 -5.94 -5.25
N GLY A 40 3.03 -5.72 -6.05
CA GLY A 40 3.69 -4.43 -5.95
C GLY A 40 5.05 -4.48 -6.61
N GLY A 41 5.80 -3.39 -6.43
CA GLY A 41 7.16 -3.40 -6.95
C GLY A 41 7.76 -2.02 -6.89
N ILE A 42 8.96 -1.93 -7.43
CA ILE A 42 9.78 -0.71 -7.42
C ILE A 42 10.14 -0.47 -8.88
N PHE A 43 9.64 0.62 -9.45
CA PHE A 43 9.73 0.82 -10.88
C PHE A 43 10.48 2.10 -11.19
N TYR A 44 11.04 2.14 -12.41
CA TYR A 44 11.89 3.25 -12.83
C TYR A 44 11.43 3.79 -14.17
N ASN A 45 11.40 5.12 -14.31
CA ASN A 45 11.04 5.67 -15.61
C ASN A 45 12.31 5.96 -16.44
N GLN A 46 12.16 6.70 -17.57
CA GLN A 46 13.27 6.83 -18.51
C GLN A 46 14.43 7.66 -17.97
N THR A 47 14.19 8.52 -16.97
CA THR A 47 15.29 9.23 -16.32
C THR A 47 15.58 8.64 -14.94
N ASN A 48 15.17 7.39 -14.72
CA ASN A 48 15.49 6.64 -13.50
C ASN A 48 14.91 7.27 -12.23
N GLN A 49 13.81 8.01 -12.35
CA GLN A 49 13.03 8.33 -11.18
C GLN A 49 12.33 7.07 -10.70
N GLN A 50 12.01 7.05 -9.43
CA GLN A 50 11.51 5.84 -8.76
C GLN A 50 10.05 5.94 -8.34
N LEU A 51 9.29 4.85 -8.57
CA LEU A 51 7.90 4.74 -8.15
C LEU A 51 7.75 3.47 -7.32
N LEU A 52 7.17 3.59 -6.12
CA LEU A 52 6.95 2.45 -5.23
C LEU A 52 5.47 2.13 -5.26
N VAL A 53 5.11 0.85 -5.45
CA VAL A 53 3.70 0.46 -5.60
C VAL A 53 3.39 -0.73 -4.71
N LEU A 54 2.24 -0.66 -4.00
CA LEU A 54 1.80 -1.81 -3.23
C LEU A 54 0.29 -1.94 -3.34
N CYS A 55 -0.18 -3.14 -3.64
CA CYS A 55 -1.60 -3.39 -3.86
C CYS A 55 -2.03 -4.62 -3.08
N ASP A 56 -3.15 -4.53 -2.38
CA ASP A 56 -3.70 -5.68 -1.66
C ASP A 56 -5.03 -6.10 -2.31
N GLY A 57 -4.98 -7.14 -3.11
CA GLY A 57 -6.20 -7.63 -3.74
C GLY A 57 -7.16 -8.17 -2.69
N MET A 58 -8.47 -7.94 -2.90
CA MET A 58 -9.45 -8.24 -1.84
C MET A 58 -9.65 -9.73 -1.72
N GLY A 59 -9.37 -10.26 -0.53
CA GLY A 59 -9.59 -11.68 -0.28
C GLY A 59 -11.06 -12.07 -0.25
N GLY A 60 -11.94 -11.14 0.14
CA GLY A 60 -13.33 -11.49 0.31
C GLY A 60 -14.16 -11.46 -0.95
N HIS A 61 -13.52 -11.13 -2.08
CA HIS A 61 -14.16 -11.08 -3.39
C HIS A 61 -13.35 -11.94 -4.36
N LYS A 62 -13.89 -12.16 -5.54
CA LYS A 62 -13.25 -13.02 -6.52
C LYS A 62 -11.95 -12.37 -6.99
N ALA A 63 -10.97 -13.21 -7.32
CA ALA A 63 -9.88 -12.79 -8.25
C ALA A 63 -9.07 -11.63 -7.72
N GLY A 64 -8.85 -11.59 -6.39
CA GLY A 64 -8.06 -10.50 -5.84
C GLY A 64 -6.65 -10.38 -6.43
N GLU A 65 -6.04 -11.51 -6.80
CA GLU A 65 -4.69 -11.42 -7.37
C GLU A 65 -4.73 -10.84 -8.78
N VAL A 66 -5.82 -11.07 -9.53
CA VAL A 66 -5.96 -10.44 -10.85
C VAL A 66 -6.04 -8.92 -10.70
N ALA A 67 -6.83 -8.45 -9.73
CA ALA A 67 -6.97 -7.00 -9.52
C ALA A 67 -5.67 -6.36 -9.07
N SER A 68 -4.99 -6.93 -8.08
CA SER A 68 -3.79 -6.27 -7.56
C SER A 68 -2.66 -6.27 -8.58
N LYS A 69 -2.53 -7.37 -9.36
CA LYS A 69 -1.50 -7.40 -10.38
C LYS A 69 -1.89 -6.53 -11.58
N PHE A 70 -3.18 -6.36 -11.84
CA PHE A 70 -3.61 -5.46 -12.91
C PHE A 70 -3.16 -4.04 -12.62
N VAL A 71 -3.46 -3.55 -11.41
CA VAL A 71 -3.09 -2.18 -11.05
C VAL A 71 -1.57 -2.02 -11.03
N THR A 72 -0.85 -3.01 -10.47
CA THR A 72 0.63 -2.91 -10.42
C THR A 72 1.19 -2.88 -11.82
N ASP A 73 0.69 -3.75 -12.72
CA ASP A 73 1.23 -3.80 -14.08
C ASP A 73 0.96 -2.50 -14.82
N GLU A 74 -0.25 -1.93 -14.64
CA GLU A 74 -0.57 -0.65 -15.27
C GLU A 74 0.32 0.48 -14.76
N LEU A 75 0.51 0.58 -13.46
CA LEU A 75 1.38 1.65 -12.95
C LEU A 75 2.79 1.48 -13.46
N LYS A 76 3.29 0.23 -13.51
CA LYS A 76 4.62 -0.02 -14.06
C LYS A 76 4.71 0.46 -15.51
N SER A 77 3.80 -0.01 -16.36
CA SER A 77 3.84 0.34 -17.78
C SER A 77 3.69 1.83 -18.01
N ARG A 78 2.77 2.46 -17.30
CA ARG A 78 2.58 3.90 -17.46
C ARG A 78 3.82 4.67 -17.03
N PHE A 79 4.40 4.28 -15.88
CA PHE A 79 5.56 5.03 -15.39
C PHE A 79 6.76 4.82 -16.31
N GLU A 80 6.98 3.58 -16.77
CA GLU A 80 8.16 3.34 -17.59
C GLU A 80 8.09 4.09 -18.92
N ALA A 81 6.88 4.42 -19.35
CA ALA A 81 6.66 5.21 -20.54
C ALA A 81 6.96 6.69 -20.35
N GLU A 82 7.18 7.14 -19.13
CA GLU A 82 7.44 8.58 -18.91
C GLU A 82 8.90 8.90 -18.95
N ASN A 83 9.21 10.11 -19.43
CA ASN A 83 10.57 10.62 -19.37
C ASN A 83 10.83 11.25 -18.02
N LEU A 84 9.99 12.20 -17.61
CA LEU A 84 10.26 13.02 -16.44
C LEU A 84 8.94 13.44 -15.80
N ILE A 85 8.77 13.16 -14.52
CA ILE A 85 7.64 13.70 -13.76
C ILE A 85 8.23 14.44 -12.60
N GLU A 86 8.21 15.78 -12.64
CA GLU A 86 8.79 16.49 -11.51
C GLU A 86 7.81 16.60 -10.37
N GLN A 87 8.30 17.13 -9.26
CA GLN A 87 7.55 17.04 -8.02
C GLN A 87 6.23 17.78 -8.14
N HIS A 88 6.22 18.90 -8.87
CA HIS A 88 5.01 19.71 -8.97
C HIS A 88 3.97 19.06 -9.87
N GLN A 89 4.37 18.08 -10.69
CA GLN A 89 3.49 17.34 -11.58
C GLN A 89 2.95 16.06 -10.97
N ALA A 90 3.51 15.60 -9.84
CA ALA A 90 3.36 14.25 -9.36
C ALA A 90 1.98 13.98 -8.81
N GLU A 91 1.40 14.91 -8.06
CA GLU A 91 0.06 14.64 -7.53
C GLU A 91 -0.94 14.42 -8.68
N ASN A 92 -0.91 15.31 -9.68
CA ASN A 92 -1.78 15.17 -10.85
C ASN A 92 -1.53 13.88 -11.61
N TRP A 93 -0.27 13.49 -11.78
CA TRP A 93 0.03 12.26 -12.51
C TRP A 93 -0.54 11.05 -11.79
N LEU A 94 -0.31 10.96 -10.48
CA LEU A 94 -0.82 9.85 -9.71
C LEU A 94 -2.35 9.86 -9.68
N ARG A 95 -2.96 11.02 -9.43
CA ARG A 95 -4.43 11.05 -9.38
C ARG A 95 -5.02 10.61 -10.70
N ASN A 96 -4.48 11.14 -11.80
CA ASN A 96 -5.11 10.87 -13.10
C ASN A 96 -4.87 9.43 -13.51
N ASN A 97 -3.70 8.88 -13.21
CA ASN A 97 -3.46 7.50 -13.61
C ASN A 97 -4.22 6.52 -12.71
N ILE A 98 -4.30 6.78 -11.41
CA ILE A 98 -5.12 5.92 -10.56
CA ILE A 98 -5.13 5.95 -10.54
C ILE A 98 -6.57 5.95 -11.04
N LYS A 99 -7.10 7.13 -11.40
CA LYS A 99 -8.49 7.14 -11.85
C LYS A 99 -8.66 6.36 -13.14
N ASP A 100 -7.70 6.47 -14.05
CA ASP A 100 -7.82 5.75 -15.32
C ASP A 100 -7.71 4.23 -15.08
N ILE A 101 -6.77 3.83 -14.25
CA ILE A 101 -6.60 2.42 -13.98
C ILE A 101 -7.82 1.85 -13.28
N ASN A 102 -8.39 2.61 -12.33
CA ASN A 102 -9.64 2.18 -11.68
C ASN A 102 -10.73 1.94 -12.71
N PHE A 103 -10.88 2.90 -13.63
CA PHE A 103 -11.86 2.79 -14.70
C PHE A 103 -11.63 1.54 -15.57
N GLN A 104 -10.39 1.31 -16.01
CA GLN A 104 -10.09 0.13 -16.81
C GLN A 104 -10.32 -1.17 -16.05
N LEU A 105 -9.95 -1.20 -14.77
CA LEU A 105 -10.13 -2.41 -13.96
C LEU A 105 -11.60 -2.71 -13.75
N TYR A 106 -12.39 -1.67 -13.45
CA TYR A 106 -13.83 -1.89 -13.27
C TYR A 106 -14.45 -2.53 -14.50
N HIS A 107 -14.13 -2.01 -15.68
CA HIS A 107 -14.77 -2.54 -16.87
C HIS A 107 -14.21 -3.88 -17.27
N TYR A 108 -12.96 -4.15 -16.92
CA TYR A 108 -12.41 -5.49 -17.13
C TYR A 108 -13.16 -6.50 -16.26
N ALA A 109 -13.40 -6.15 -15.01
CA ALA A 109 -14.18 -7.04 -14.13
C ALA A 109 -15.60 -7.18 -14.60
N GLN A 110 -16.21 -6.10 -15.15
CA GLN A 110 -17.61 -6.18 -15.57
C GLN A 110 -17.78 -7.06 -16.79
N GLU A 111 -16.75 -7.17 -17.62
CA GLU A 111 -16.77 -7.93 -18.86
C GLU A 111 -16.48 -9.42 -18.65
N ASN A 112 -16.10 -9.83 -17.44
CA ASN A 112 -15.68 -11.22 -17.17
C ASN A 112 -16.37 -11.73 -15.89
N ALA A 113 -17.35 -12.64 -16.05
CA ALA A 113 -18.15 -13.05 -14.88
C ALA A 113 -17.29 -13.63 -13.75
N GLU A 114 -16.17 -14.30 -14.07
CA GLU A 114 -15.31 -14.87 -13.03
C GLU A 114 -14.54 -13.81 -12.25
N TYR A 115 -14.49 -12.58 -12.76
CA TYR A 115 -13.85 -11.50 -12.05
C TYR A 115 -14.83 -10.53 -11.42
N LYS A 116 -16.14 -10.69 -11.62
CA LYS A 116 -17.05 -9.62 -11.22
C LYS A 116 -16.96 -9.40 -9.72
N GLY A 117 -16.81 -8.12 -9.33
CA GLY A 117 -16.64 -7.76 -7.93
C GLY A 117 -15.20 -7.69 -7.46
N MET A 118 -14.25 -8.09 -8.28
CA MET A 118 -12.86 -8.06 -7.82
C MET A 118 -12.39 -6.63 -7.55
N GLY A 119 -11.41 -6.49 -6.66
CA GLY A 119 -10.85 -5.16 -6.47
C GLY A 119 -9.57 -5.24 -5.67
N THR A 120 -8.91 -4.10 -5.54
CA THR A 120 -7.66 -4.07 -4.77
C THR A 120 -7.45 -2.73 -4.09
N THR A 121 -6.75 -2.73 -2.97
CA THR A 121 -6.18 -1.47 -2.52
C THR A 121 -5.01 -1.06 -3.40
N CYS A 122 -4.60 0.18 -3.24
CA CYS A 122 -3.34 0.61 -3.82
C CYS A 122 -2.77 1.75 -2.99
N VAL A 123 -1.53 1.61 -2.57
CA VAL A 123 -0.75 2.75 -2.06
C VAL A 123 0.48 2.85 -2.92
N CYS A 124 0.82 4.07 -3.31
CA CYS A 124 1.98 4.22 -4.17
C CYS A 124 2.65 5.54 -3.87
N ALA A 125 3.92 5.63 -4.26
CA ALA A 125 4.73 6.79 -3.87
C ALA A 125 5.72 7.11 -4.98
N LEU A 126 5.68 8.34 -5.43
CA LEU A 126 6.72 8.87 -6.30
C LEU A 126 7.78 9.55 -5.44
N VAL A 127 9.02 9.13 -5.62
CA VAL A 127 10.15 9.55 -4.80
C VAL A 127 10.85 10.75 -5.41
N PHE A 128 11.10 11.77 -4.60
CA PHE A 128 11.90 12.93 -5.02
C PHE A 128 13.04 13.17 -4.03
N GLU A 129 13.88 14.17 -4.32
CA GLU A 129 15.11 14.30 -3.53
C GLU A 129 14.79 14.47 -2.06
N LYS A 130 13.87 15.37 -1.74
CA LYS A 130 13.65 15.68 -0.34
C LYS A 130 12.23 15.35 0.10
N SER A 131 11.43 14.72 -0.75
CA SER A 131 10.02 14.52 -0.45
C SER A 131 9.52 13.29 -1.18
N VAL A 132 8.29 12.89 -0.83
CA VAL A 132 7.60 11.84 -1.54
C VAL A 132 6.19 12.33 -1.77
N VAL A 133 5.57 11.89 -2.87
CA VAL A 133 4.18 12.18 -3.14
C VAL A 133 3.47 10.83 -3.13
N ILE A 134 2.45 10.69 -2.28
CA ILE A 134 1.80 9.40 -2.04
C ILE A 134 0.34 9.47 -2.45
N ALA A 135 -0.14 8.43 -3.13
CA ALA A 135 -1.56 8.27 -3.38
C ALA A 135 -2.08 7.02 -2.71
N ASN A 136 -3.29 7.11 -2.16
CA ASN A 136 -3.83 5.97 -1.40
C ASN A 136 -5.30 5.73 -1.68
N VAL A 137 -5.63 4.46 -1.93
CA VAL A 137 -7.00 3.95 -2.02
C VAL A 137 -7.05 2.65 -1.23
N GLY A 138 -7.76 2.65 -0.12
CA GLY A 138 -7.93 1.44 0.69
C GLY A 138 -7.24 1.53 2.04
N ASP A 139 -6.88 0.36 2.58
CA ASP A 139 -6.31 0.26 3.93
C ASP A 139 -4.90 -0.34 3.91
N SER A 140 -4.22 -0.33 2.76
CA SER A 140 -2.74 -0.40 2.78
C SER A 140 -2.21 0.94 3.28
N ARG A 141 -0.95 0.97 3.71
CA ARG A 141 -0.43 2.14 4.44
C ARG A 141 0.91 2.61 3.92
N ALA A 142 1.21 3.91 4.18
CA ALA A 142 2.54 4.47 4.06
C ALA A 142 2.90 5.11 5.38
N TYR A 143 4.15 4.91 5.79
CA TYR A 143 4.70 5.48 7.01
C TYR A 143 6.06 6.09 6.77
N VAL A 144 6.41 7.12 7.56
CA VAL A 144 7.80 7.53 7.74
C VAL A 144 8.19 7.28 9.18
N ILE A 145 9.44 6.89 9.36
CA ILE A 145 9.93 6.44 10.66
C ILE A 145 11.29 7.09 10.90
N ASN A 146 11.54 7.56 12.12
CA ASN A 146 12.90 7.94 12.53
C ASN A 146 13.12 7.39 13.94
N SER A 147 14.22 7.80 14.57
CA SER A 147 14.61 7.23 15.85
C SER A 147 13.62 7.56 16.96
N ARG A 148 12.80 8.59 16.78
CA ARG A 148 11.88 9.00 17.83
C ARG A 148 10.41 8.79 17.48
N GLN A 149 10.06 8.59 16.22
CA GLN A 149 8.63 8.53 15.89
C GLN A 149 8.39 7.67 14.69
N ILE A 150 7.14 7.19 14.60
CA ILE A 150 6.61 6.53 13.42
C ILE A 150 5.29 7.21 13.12
N GLU A 151 5.18 7.77 11.92
CA GLU A 151 4.02 8.56 11.47
C GLU A 151 3.36 7.82 10.34
N GLN A 152 2.08 7.48 10.53
CA GLN A 152 1.28 6.94 9.43
C GLN A 152 0.79 8.10 8.59
N ILE A 153 1.19 8.13 7.31
CA ILE A 153 0.88 9.26 6.44
C ILE A 153 -0.54 9.13 5.91
N THR A 154 -0.93 7.91 5.58
CA THR A 154 -2.22 7.66 4.95
C THR A 154 -3.29 7.44 6.01
N SER A 155 -4.54 7.53 5.58
CA SER A 155 -5.69 7.25 6.41
C SER A 155 -6.43 6.02 5.85
N ASP A 156 -6.64 4.98 6.66
CA ASP A 156 -7.29 3.77 6.14
C ASP A 156 -8.70 4.06 5.67
N HIS A 157 -9.00 3.63 4.46
CA HIS A 157 -10.40 3.61 3.98
C HIS A 157 -11.03 2.29 4.38
N SER A 158 -11.28 2.15 5.68
CA SER A 158 -11.86 0.92 6.21
C SER A 158 -13.13 1.25 6.99
N PHE A 159 -14.02 0.26 7.03
CA PHE A 159 -15.25 0.45 7.77
C PHE A 159 -14.98 0.68 9.25
N VAL A 160 -14.01 -0.04 9.83
CA VAL A 160 -13.74 0.17 11.26
C VAL A 160 -13.08 1.53 11.47
N ASN A 161 -12.28 2.04 10.52
CA ASN A 161 -11.78 3.40 10.72
C ASN A 161 -12.94 4.38 10.73
N HIS A 162 -13.93 4.15 9.84
CA HIS A 162 -15.17 4.92 9.91
C HIS A 162 -15.82 4.79 11.29
N LEU A 163 -15.88 3.57 11.84
CA LEU A 163 -16.50 3.43 13.14
C LEU A 163 -15.69 4.11 14.22
N VAL A 164 -14.37 4.17 14.07
CA VAL A 164 -13.56 4.83 15.10
C VAL A 164 -13.72 6.35 15.00
N LEU A 165 -13.73 6.88 13.79
CA LEU A 165 -13.84 8.32 13.60
C LEU A 165 -15.21 8.84 14.02
N THR A 166 -16.28 8.11 13.72
CA THR A 166 -17.57 8.50 14.25
C THR A 166 -17.70 8.21 15.74
N GLY A 167 -16.63 7.72 16.38
CA GLY A 167 -16.69 7.41 17.80
C GLY A 167 -17.67 6.32 18.21
N GLN A 168 -18.04 5.41 17.29
CA GLN A 168 -18.91 4.28 17.62
C GLN A 168 -18.16 3.13 18.30
N ILE A 169 -16.86 2.99 18.05
CA ILE A 169 -16.01 2.00 18.69
C ILE A 169 -14.66 2.65 19.01
N THR A 170 -13.94 2.05 19.95
CA THR A 170 -12.55 2.47 20.15
C THR A 170 -11.59 1.75 19.21
N PRO A 171 -10.41 2.31 18.97
CA PRO A 171 -9.46 1.65 18.05
C PRO A 171 -9.05 0.25 18.50
N GLU A 172 -9.12 -0.04 19.80
CA GLU A 172 -8.82 -1.38 20.28
C GLU A 172 -9.91 -2.37 19.86
N GLU A 173 -11.19 -1.99 20.00
CA GLU A 173 -12.26 -2.86 19.51
C GLU A 173 -12.11 -3.20 18.03
N ALA A 174 -11.52 -2.32 17.22
CA ALA A 174 -11.44 -2.53 15.78
C ALA A 174 -10.76 -3.86 15.45
N PHE A 175 -9.80 -4.29 16.28
CA PHE A 175 -9.11 -5.56 16.08
C PHE A 175 -10.00 -6.78 16.34
N THR A 176 -11.17 -6.62 16.95
CA THR A 176 -12.05 -7.75 17.23
C THR A 176 -13.42 -7.60 16.58
N HIS A 177 -13.62 -6.59 15.78
CA HIS A 177 -14.95 -6.29 15.27
C HIS A 177 -15.30 -7.22 14.11
N PRO A 178 -16.53 -7.68 14.03
CA PRO A 178 -16.87 -8.68 13.00
C PRO A 178 -16.68 -8.17 11.58
N GLN A 179 -16.79 -6.86 11.35
CA GLN A 179 -16.58 -6.31 10.01
C GLN A 179 -15.24 -5.59 9.90
N ARG A 180 -14.24 -5.97 10.69
CA ARG A 180 -12.94 -5.28 10.68
C ARG A 180 -12.13 -5.45 9.39
N ASN A 181 -12.51 -6.35 8.49
CA ASN A 181 -11.78 -6.44 7.23
C ASN A 181 -12.40 -5.65 6.09
N ILE A 182 -13.59 -5.07 6.29
CA ILE A 182 -14.28 -4.38 5.21
C ILE A 182 -13.59 -3.06 4.90
N ILE A 183 -13.37 -2.80 3.61
CA ILE A 183 -12.79 -1.54 3.16
C ILE A 183 -13.84 -0.74 2.40
N THR A 184 -13.69 0.58 2.47
CA THR A 184 -14.71 1.52 2.01
C THR A 184 -14.30 2.33 0.78
N LYS A 185 -13.05 2.24 0.36
CA LYS A 185 -12.62 2.76 -0.94
C LYS A 185 -11.69 1.71 -1.54
N VAL A 186 -11.91 1.34 -2.79
CA VAL A 186 -11.14 0.25 -3.37
C VAL A 186 -11.05 0.52 -4.86
N MET A 187 -9.96 0.07 -5.48
CA MET A 187 -9.81 0.09 -6.94
CA MET A 187 -9.92 0.16 -6.93
C MET A 187 -10.64 -1.01 -7.56
N GLY A 188 -11.42 -0.68 -8.58
CA GLY A 188 -12.03 -1.70 -9.41
C GLY A 188 -13.51 -1.95 -9.23
N THR A 189 -14.15 -1.46 -8.17
CA THR A 189 -15.51 -1.84 -7.88
C THR A 189 -16.53 -0.82 -8.34
N ASP A 190 -16.06 0.37 -8.76
CA ASP A 190 -16.96 1.40 -9.31
C ASP A 190 -16.21 2.11 -10.41
N LYS A 191 -16.95 2.67 -11.36
CA LYS A 191 -16.27 3.40 -12.43
C LYS A 191 -15.57 4.64 -11.94
N ARG A 192 -15.93 5.16 -10.77
CA ARG A 192 -15.28 6.35 -10.23
C ARG A 192 -14.51 6.01 -8.96
N VAL A 193 -13.46 6.77 -8.67
CA VAL A 193 -12.74 6.63 -7.42
C VAL A 193 -12.06 7.95 -7.14
N SER A 194 -11.86 8.26 -5.86
CA SER A 194 -11.22 9.51 -5.44
C SER A 194 -10.07 9.15 -4.50
N PRO A 195 -8.85 9.01 -5.03
CA PRO A 195 -7.72 8.70 -4.14
C PRO A 195 -7.37 9.88 -3.24
N ASP A 196 -6.77 9.55 -2.08
CA ASP A 196 -6.19 10.56 -1.20
C ASP A 196 -4.74 10.78 -1.63
N LEU A 197 -4.34 12.05 -1.70
CA LEU A 197 -2.97 12.42 -2.06
C LEU A 197 -2.29 13.09 -0.90
N PHE A 198 -1.02 12.74 -0.69
CA PHE A 198 -0.23 13.31 0.40
C PHE A 198 1.13 13.73 -0.12
N ILE A 199 1.68 14.84 0.39
CA ILE A 199 3.06 15.21 0.10
C ILE A 199 3.76 15.27 1.45
N LYS A 200 4.87 14.53 1.59
CA LYS A 200 5.61 14.48 2.83
C LYS A 200 7.08 14.80 2.59
N ARG A 201 7.61 15.74 3.36
CA ARG A 201 9.04 16.01 3.34
C ARG A 201 9.80 14.90 4.05
N LEU A 202 10.93 14.50 3.47
CA LEU A 202 11.71 13.40 4.00
C LEU A 202 12.83 13.83 4.95
N ASN A 203 13.19 15.12 5.02
CA ASN A 203 14.23 15.58 5.93
C ASN A 203 13.93 15.11 7.36
N PHE A 204 14.94 14.54 7.99
CA PHE A 204 14.88 14.12 9.39
C PHE A 204 14.11 12.82 9.57
N TYR A 205 13.72 12.14 8.51
CA TYR A 205 13.23 10.78 8.65
C TYR A 205 14.29 9.81 8.13
N ASP A 206 14.17 8.57 8.57
CA ASP A 206 15.18 7.57 8.24
C ASP A 206 14.64 6.52 7.30
N TYR A 207 13.32 6.19 7.40
CA TYR A 207 12.74 5.14 6.57
C TYR A 207 11.38 5.55 6.05
N LEU A 208 11.09 5.13 4.82
CA LEU A 208 9.76 5.08 4.26
C LEU A 208 9.29 3.63 4.16
N LEU A 209 8.08 3.36 4.63
CA LEU A 209 7.52 2.01 4.63
C LEU A 209 6.15 2.07 3.94
N LEU A 210 5.95 1.24 2.93
CA LEU A 210 4.61 0.97 2.39
C LEU A 210 4.26 -0.46 2.73
N ASN A 211 3.01 -0.71 3.13
CA ASN A 211 2.69 -2.08 3.55
C ASN A 211 1.22 -2.42 3.35
N SER A 212 0.98 -3.71 3.17
CA SER A 212 -0.37 -4.23 3.22
C SER A 212 -0.81 -4.44 4.68
N ASP A 213 -2.12 -4.49 4.91
CA ASP A 213 -2.62 -4.72 6.27
C ASP A 213 -2.22 -6.09 6.86
N GLY A 214 -1.70 -7.03 6.05
CA GLY A 214 -1.17 -8.25 6.63
C GLY A 214 -0.05 -7.98 7.63
N LEU A 215 0.65 -6.85 7.47
CA LEU A 215 1.69 -6.50 8.43
C LEU A 215 1.09 -5.81 9.65
N THR A 216 0.44 -4.65 9.45
CA THR A 216 0.04 -3.81 10.58
C THR A 216 -1.28 -4.23 11.27
N ASP A 217 -2.08 -5.16 10.68
CA ASP A 217 -3.10 -5.79 11.49
C ASP A 217 -2.51 -6.65 12.62
N TYR A 218 -1.22 -7.00 12.55
CA TYR A 218 -0.62 -7.91 13.52
C TYR A 218 0.62 -7.38 14.21
N VAL A 219 1.25 -6.34 13.68
CA VAL A 219 2.47 -5.75 14.22
C VAL A 219 2.20 -4.28 14.52
N LYS A 220 2.44 -3.89 15.78
CA LYS A 220 2.11 -2.56 16.24
C LYS A 220 3.17 -1.56 15.76
N ASP A 221 2.75 -0.30 15.62
CA ASP A 221 3.67 0.75 15.14
C ASP A 221 4.96 0.83 15.97
N ASN A 222 4.85 0.82 17.31
CA ASN A 222 6.08 0.92 18.08
C ASN A 222 6.98 -0.30 17.86
N GLU A 223 6.42 -1.46 17.53
CA GLU A 223 7.27 -2.62 17.22
C GLU A 223 8.06 -2.40 15.93
N ILE A 224 7.43 -1.80 14.93
CA ILE A 224 8.13 -1.48 13.68
C ILE A 224 9.25 -0.49 13.95
N LYS A 225 8.94 0.57 14.72
CA LYS A 225 9.95 1.58 15.00
C LYS A 225 11.14 0.98 15.73
N ARG A 226 10.87 0.17 16.75
CA ARG A 226 11.95 -0.45 17.53
C ARG A 226 12.87 -1.30 16.65
N LEU A 227 12.28 -2.02 15.70
CA LEU A 227 13.07 -2.85 14.78
C LEU A 227 13.94 -1.97 13.89
N LEU A 228 13.38 -0.91 13.33
CA LEU A 228 14.10 -0.12 12.34
C LEU A 228 15.18 0.74 12.97
N VAL A 229 15.03 1.13 14.24
CA VAL A 229 16.03 2.03 14.79
C VAL A 229 17.36 1.35 15.12
N LYS A 230 17.40 0.02 15.02
CA LYS A 230 18.64 -0.72 15.23
C LYS A 230 19.51 -0.65 13.97
N GLU A 231 20.79 -0.99 14.12
CA GLU A 231 21.66 -1.10 12.96
C GLU A 231 21.21 -2.27 12.10
N GLY A 232 21.56 -2.23 10.82
CA GLY A 232 21.23 -3.30 9.89
C GLY A 232 20.90 -2.75 8.53
N THR A 233 21.13 -3.57 7.50
CA THR A 233 20.77 -3.17 6.14
C THR A 233 19.24 -3.25 5.91
N ILE A 234 18.78 -2.70 4.78
CA ILE A 234 17.35 -2.79 4.43
C ILE A 234 16.93 -4.26 4.34
N GLU A 235 17.78 -5.12 3.76
CA GLU A 235 17.43 -6.52 3.70
C GLU A 235 17.40 -7.16 5.09
N ASP A 236 18.35 -6.83 5.97
CA ASP A 236 18.29 -7.27 7.36
C ASP A 236 16.95 -6.90 7.97
N HIS A 237 16.55 -5.64 7.86
CA HIS A 237 15.37 -5.16 8.56
C HIS A 237 14.13 -5.78 7.96
N GLY A 238 14.07 -5.91 6.64
CA GLY A 238 12.86 -6.45 6.03
C GLY A 238 12.65 -7.92 6.37
N ASP A 239 13.73 -8.71 6.38
CA ASP A 239 13.57 -10.10 6.81
C ASP A 239 13.15 -10.17 8.27
N GLN A 240 13.71 -9.31 9.14
CA GLN A 240 13.31 -9.33 10.54
C GLN A 240 11.85 -8.95 10.68
N LEU A 241 11.40 -7.96 9.92
CA LEU A 241 10.04 -7.46 10.01
C LEU A 241 9.06 -8.51 9.51
N MET A 242 9.43 -9.23 8.47
CA MET A 242 8.56 -10.32 8.00
C MET A 242 8.45 -11.42 9.04
N GLN A 243 9.59 -11.83 9.63
CA GLN A 243 9.57 -12.84 10.68
C GLN A 243 8.72 -12.39 11.86
N LEU A 244 8.72 -11.09 12.16
CA LEU A 244 7.90 -10.59 13.25
C LEU A 244 6.42 -10.72 12.93
N ALA A 245 6.00 -10.36 11.69
CA ALA A 245 4.60 -10.48 11.31
C ALA A 245 4.17 -11.93 11.43
N LEU A 246 5.04 -12.83 11.02
CA LEU A 246 4.71 -14.26 11.07
C LEU A 246 4.68 -14.76 12.51
N ASP A 247 5.59 -14.28 13.37
CA ASP A 247 5.58 -14.68 14.76
C ASP A 247 4.31 -14.21 15.46
N ASN A 248 3.75 -13.10 15.00
CA ASN A 248 2.47 -12.60 15.48
C ASN A 248 1.27 -13.30 14.83
N HIS A 249 1.52 -14.35 14.05
CA HIS A 249 0.47 -15.20 13.50
C HIS A 249 -0.45 -14.40 12.58
N SER A 250 0.13 -13.59 11.72
CA SER A 250 -0.66 -12.98 10.66
C SER A 250 -1.35 -14.05 9.83
N LYS A 251 -2.66 -13.90 9.64
CA LYS A 251 -3.45 -14.83 8.83
C LYS A 251 -3.73 -14.27 7.45
N ASP A 252 -2.81 -13.43 6.93
CA ASP A 252 -3.02 -12.73 5.69
C ASP A 252 -1.73 -12.77 4.89
N ASN A 253 -1.85 -12.48 3.61
CA ASN A 253 -0.66 -12.12 2.83
C ASN A 253 0.02 -10.92 3.48
N VAL A 254 1.36 -10.95 3.55
CA VAL A 254 2.13 -9.87 4.19
C VAL A 254 3.08 -9.30 3.15
N THR A 255 2.98 -8.00 2.89
CA THR A 255 3.81 -7.37 1.87
C THR A 255 4.21 -5.98 2.32
N PHE A 256 5.45 -5.60 2.00
CA PHE A 256 5.85 -4.23 2.28
C PHE A 256 7.05 -3.87 1.44
N ILE A 257 7.19 -2.57 1.22
CA ILE A 257 8.41 -1.97 0.64
C ILE A 257 9.05 -1.18 1.75
N LEU A 258 10.33 -1.43 1.99
CA LEU A 258 11.10 -0.65 2.94
C LEU A 258 12.13 0.13 2.17
N ALA A 259 12.26 1.43 2.46
CA ALA A 259 13.21 2.27 1.72
C ALA A 259 13.98 3.14 2.70
N ALA A 260 15.31 3.20 2.51
CA ALA A 260 16.14 4.00 3.40
C ALA A 260 16.27 5.41 2.82
N ILE A 261 16.01 6.40 3.67
CA ILE A 261 16.13 7.81 3.33
C ILE A 261 17.56 8.19 3.56
N GLU A 262 18.24 8.63 2.50
CA GLU A 262 19.66 8.99 2.61
N GLY B 1 -15.99 -5.35 0.60
CA GLY B 1 -14.93 -4.67 1.35
C GLY B 1 -13.96 -5.66 1.97
N GLY B 2 -12.72 -5.61 1.54
CA GLY B 2 -11.62 -6.47 1.98
C GLY B 2 -11.61 -7.98 1.84
#